data_5JT0
#
_entry.id   5JT0
#
_cell.length_a   98.734
_cell.length_b   98.734
_cell.length_c   127.589
_cell.angle_alpha   90.00
_cell.angle_beta   90.00
_cell.angle_gamma   90.00
#
_symmetry.space_group_name_H-M   'I 41'
#
loop_
_entity.id
_entity.type
_entity.pdbx_description
1 polymer 'Glucosyl-3-phosphoglycerate synthase'
2 non-polymer 'MANGANESE (II) ION'
3 non-polymer "URIDINE-5'-DIPHOSPHATE"
4 non-polymer 1,2-ETHANEDIOL
5 non-polymer '(2R)-2-(alpha-D-glucopyranosyloxy)-3-(phosphonooxy)propanoic acid'
6 water water
#
_entity_poly.entity_id   1
_entity_poly.type   'polypeptide(L)'
_entity_poly.pdbx_seq_one_letter_code
;GSGAMTASELVAGDLAGGRAPGALPLDTTWHRPGWTIGELEAAKAGRTISVVLPALNEEATIESVIDSISPLVDGLVDEL
IVLDSGSTDDTEIRAIASGARVVSREQALPEVPVRPGKGEALWRSLAATSGDIVVFIDSDLINPHPLFVPWLVGPLLTGE
GIQLVKSFYRRPLQVSDVTSGVCATGGGRVTELVARPLLAALRPELGCVLQPLSGEYAASRELLTSLPFAPGYGVEIGLL
IDTFDRLGLDAIAQVNLGVRAHRNRPLDELGAMSRQVIATLLSRCGIPDSGVGLTQFLPGGPDDSDYTRHTWPVSLVDRP
PMKVMRPR
;
_entity_poly.pdbx_strand_id   A
#
loop_
_chem_comp.id
_chem_comp.type
_chem_comp.name
_chem_comp.formula
EDO non-polymer 1,2-ETHANEDIOL 'C2 H6 O2'
MN non-polymer 'MANGANESE (II) ION' 'Mn 2'
UDP RNA linking URIDINE-5'-DIPHOSPHATE 'C9 H14 N2 O12 P2'
XDX D-saccharide '(2R)-2-(alpha-D-glucopyranosyloxy)-3-(phosphonooxy)propanoic acid' 'C9 H17 O12 P'
#
# COMPACT_ATOMS: atom_id res chain seq x y z
N PRO A 25 -12.98 -18.23 5.99
CA PRO A 25 -13.85 -17.12 5.55
C PRO A 25 -13.19 -16.24 4.50
N LEU A 26 -11.89 -16.46 4.27
CA LEU A 26 -11.07 -15.54 3.48
C LEU A 26 -10.24 -16.32 2.48
N ASP A 27 -10.50 -16.10 1.18
CA ASP A 27 -9.75 -16.74 0.09
C ASP A 27 -8.25 -16.55 0.27
N THR A 28 -7.55 -17.62 0.64
CA THR A 28 -6.12 -17.57 0.92
C THR A 28 -5.35 -18.54 0.03
N THR A 29 -4.37 -18.01 -0.72
CA THR A 29 -3.48 -18.85 -1.52
C THR A 29 -2.24 -19.11 -0.68
N TRP A 30 -2.11 -20.34 -0.20
CA TRP A 30 -1.13 -20.66 0.83
C TRP A 30 0.24 -21.02 0.28
N HIS A 31 0.29 -21.64 -0.89
CA HIS A 31 1.55 -21.94 -1.55
C HIS A 31 1.66 -21.12 -2.84
N ARG A 32 2.81 -21.25 -3.48
CA ARG A 32 3.10 -20.56 -4.73
C ARG A 32 2.01 -20.76 -5.78
N PRO A 33 1.40 -19.68 -6.28
CA PRO A 33 0.41 -19.83 -7.35
C PRO A 33 1.05 -20.56 -8.54
N GLY A 34 0.21 -21.26 -9.28
CA GLY A 34 0.66 -22.19 -10.31
C GLY A 34 0.57 -21.56 -11.68
N TRP A 35 -0.08 -20.40 -11.74
CA TRP A 35 -0.27 -19.66 -12.97
C TRP A 35 1.09 -19.33 -13.58
N THR A 36 1.09 -18.74 -14.78
CA THR A 36 2.31 -18.29 -15.42
C THR A 36 2.07 -16.90 -15.99
N ILE A 37 3.17 -16.18 -16.25
CA ILE A 37 3.04 -14.84 -16.81
C ILE A 37 2.23 -14.84 -18.09
N GLY A 38 2.38 -15.88 -18.92
CA GLY A 38 1.60 -15.92 -20.14
C GLY A 38 0.13 -16.20 -19.93
N GLU A 39 -0.21 -17.08 -18.98
CA GLU A 39 -1.61 -17.26 -18.59
C GLU A 39 -2.24 -15.99 -18.02
N LEU A 40 -1.57 -15.38 -17.04
CA LEU A 40 -2.12 -14.20 -16.39
C LEU A 40 -2.36 -13.07 -17.38
N GLU A 41 -1.40 -12.84 -18.27
CA GLU A 41 -1.54 -11.81 -19.30
C GLU A 41 -2.74 -12.08 -20.20
N ALA A 42 -2.93 -13.34 -20.61
CA ALA A 42 -4.09 -13.70 -21.41
C ALA A 42 -5.40 -13.35 -20.70
N ALA A 43 -5.45 -13.60 -19.39
CA ALA A 43 -6.62 -13.36 -18.55
C ALA A 43 -6.96 -11.87 -18.41
N LYS A 44 -6.05 -10.98 -18.80
CA LYS A 44 -6.31 -9.55 -18.66
C LYS A 44 -7.61 -9.18 -19.39
N ALA A 45 -7.80 -9.67 -20.62
CA ALA A 45 -9.04 -9.47 -21.34
C ALA A 45 -9.41 -7.99 -21.47
N GLY A 46 -8.43 -7.18 -21.89
CA GLY A 46 -8.63 -5.76 -22.09
C GLY A 46 -8.37 -4.91 -20.86
N ARG A 47 -8.37 -5.51 -19.67
CA ARG A 47 -8.00 -4.79 -18.46
C ARG A 47 -6.53 -4.39 -18.53
N THR A 48 -6.21 -3.20 -18.01
CA THR A 48 -4.84 -2.76 -17.88
C THR A 48 -4.35 -2.88 -16.43
N ILE A 49 -3.03 -2.86 -16.26
CA ILE A 49 -2.39 -3.03 -14.95
C ILE A 49 -1.37 -1.92 -14.79
N SER A 50 -1.52 -1.10 -13.74
CA SER A 50 -0.51 -0.15 -13.33
C SER A 50 0.19 -0.60 -12.05
N VAL A 51 1.49 -0.29 -11.96
CA VAL A 51 2.29 -0.53 -10.77
C VAL A 51 2.78 0.82 -10.26
N VAL A 52 2.62 1.05 -8.96
CA VAL A 52 3.06 2.28 -8.31
C VAL A 52 4.06 1.91 -7.24
N LEU A 53 5.21 2.59 -7.23
CA LEU A 53 6.16 2.43 -6.15
C LEU A 53 6.23 3.75 -5.40
N PRO A 54 5.65 3.86 -4.20
CA PRO A 54 5.83 5.11 -3.46
C PRO A 54 7.24 5.12 -2.92
N ALA A 55 7.85 6.30 -2.88
CA ALA A 55 9.23 6.36 -2.44
C ALA A 55 9.53 7.67 -1.74
N LEU A 56 10.07 7.56 -0.54
CA LEU A 56 10.58 8.72 0.19
C LEU A 56 11.98 8.36 0.66
N ASN A 57 13.00 8.95 0.00
CA ASN A 57 14.39 8.74 0.39
C ASN A 57 14.79 7.26 0.42
N GLU A 58 14.53 6.54 -0.67
CA GLU A 58 14.89 5.12 -0.75
C GLU A 58 16.00 4.84 -1.78
N GLU A 59 17.03 5.70 -1.81
CA GLU A 59 18.08 5.56 -2.83
C GLU A 59 18.80 4.21 -2.76
N ALA A 60 18.89 3.62 -1.57
CA ALA A 60 19.63 2.37 -1.42
C ALA A 60 18.91 1.18 -2.05
N THR A 61 17.58 1.25 -2.15
CA THR A 61 16.77 0.10 -2.53
C THR A 61 15.92 0.31 -3.77
N ILE A 62 15.67 1.55 -4.17
CA ILE A 62 14.74 1.82 -5.26
C ILE A 62 15.14 1.06 -6.53
N GLU A 63 16.43 0.97 -6.82
CA GLU A 63 16.87 0.38 -8.09
C GLU A 63 16.58 -1.12 -8.14
N SER A 64 16.90 -1.84 -7.07
CA SER A 64 16.62 -3.28 -7.05
C SER A 64 15.14 -3.56 -7.19
N VAL A 65 14.28 -2.71 -6.63
CA VAL A 65 12.82 -2.91 -6.72
C VAL A 65 12.33 -2.67 -8.15
N ILE A 66 12.75 -1.57 -8.77
CA ILE A 66 12.31 -1.26 -10.13
C ILE A 66 12.73 -2.38 -11.08
N ASP A 67 13.98 -2.82 -10.97
CA ASP A 67 14.49 -3.87 -11.86
C ASP A 67 13.71 -5.17 -11.70
N SER A 68 13.17 -5.45 -10.53
CA SER A 68 12.41 -6.68 -10.33
C SER A 68 11.12 -6.68 -11.14
N ILE A 69 10.64 -5.51 -11.57
CA ILE A 69 9.31 -5.41 -12.16
C ILE A 69 9.37 -4.94 -13.60
N SER A 70 10.41 -4.19 -13.96
CA SER A 70 10.42 -3.57 -15.29
C SER A 70 10.44 -4.60 -16.42
N PRO A 71 10.93 -5.83 -16.19
CA PRO A 71 10.85 -6.83 -17.26
C PRO A 71 9.41 -7.18 -17.64
N LEU A 72 8.43 -6.84 -16.81
CA LEU A 72 7.04 -7.13 -17.09
C LEU A 72 6.39 -6.06 -17.95
N VAL A 73 7.02 -4.89 -18.09
CA VAL A 73 6.39 -3.75 -18.72
C VAL A 73 6.20 -4.03 -20.20
N ASP A 74 5.07 -3.58 -20.74
CA ASP A 74 4.63 -3.83 -22.11
C ASP A 74 4.15 -5.26 -22.30
N GLY A 75 4.12 -6.06 -21.24
CA GLY A 75 3.53 -7.38 -21.27
C GLY A 75 2.41 -7.41 -20.27
N LEU A 76 2.63 -8.09 -19.14
CA LEU A 76 1.61 -8.13 -18.10
C LEU A 76 1.37 -6.74 -17.53
N VAL A 77 2.44 -6.00 -17.26
CA VAL A 77 2.36 -4.65 -16.72
C VAL A 77 2.41 -3.62 -17.84
N ASP A 78 1.41 -2.73 -17.86
CA ASP A 78 1.30 -1.71 -18.88
C ASP A 78 2.00 -0.42 -18.46
N GLU A 79 2.24 -0.23 -17.17
CA GLU A 79 2.70 1.05 -16.65
C GLU A 79 3.38 0.85 -15.30
N LEU A 80 4.52 1.52 -15.13
CA LEU A 80 5.26 1.54 -13.88
C LEU A 80 5.62 3.00 -13.60
N ILE A 81 5.27 3.50 -12.43
CA ILE A 81 5.73 4.81 -12.02
C ILE A 81 6.32 4.72 -10.63
N VAL A 82 7.25 5.62 -10.35
CA VAL A 82 7.74 5.88 -9.00
C VAL A 82 7.06 7.16 -8.55
N LEU A 83 6.33 7.12 -7.46
CA LEU A 83 5.77 8.35 -6.92
C LEU A 83 6.73 8.92 -5.88
N ASP A 84 7.49 9.93 -6.29
CA ASP A 84 8.57 10.47 -5.46
C ASP A 84 7.92 11.42 -4.46
N SER A 85 7.79 10.96 -3.22
CA SER A 85 7.07 11.68 -2.17
C SER A 85 7.97 12.68 -1.45
N GLY A 86 8.75 13.45 -2.20
CA GLY A 86 9.57 14.49 -1.60
C GLY A 86 10.98 14.10 -1.24
N SER A 87 11.59 13.15 -1.96
CA SER A 87 12.90 12.64 -1.58
C SER A 87 13.93 13.75 -1.72
N THR A 88 14.92 13.74 -0.82
CA THR A 88 16.03 14.66 -0.93
C THR A 88 17.34 13.94 -1.16
N ASP A 89 17.32 12.62 -1.34
CA ASP A 89 18.51 11.87 -1.69
C ASP A 89 18.54 11.65 -3.20
N ASP A 90 19.18 10.58 -3.65
CA ASP A 90 19.30 10.25 -5.06
C ASP A 90 18.17 9.34 -5.57
N THR A 91 17.03 9.29 -4.87
CA THR A 91 15.96 8.35 -5.26
C THR A 91 15.56 8.59 -6.70
N GLU A 92 15.35 9.86 -7.07
CA GLU A 92 14.75 10.16 -8.36
C GLU A 92 15.70 9.85 -9.50
N ILE A 93 16.97 10.25 -9.38
CA ILE A 93 17.96 9.99 -10.43
C ILE A 93 18.22 8.50 -10.60
N ARG A 94 18.28 7.76 -9.49
CA ARG A 94 18.50 6.32 -9.62
C ARG A 94 17.28 5.64 -10.22
N ALA A 95 16.08 6.13 -9.89
CA ALA A 95 14.88 5.56 -10.49
C ALA A 95 14.83 5.87 -11.98
N ILE A 96 15.17 7.10 -12.37
CA ILE A 96 15.20 7.45 -13.79
C ILE A 96 16.21 6.59 -14.52
N ALA A 97 17.34 6.28 -13.87
CA ALA A 97 18.41 5.52 -14.49
C ALA A 97 18.08 4.04 -14.61
N SER A 98 17.03 3.59 -13.93
CA SER A 98 16.51 2.23 -14.08
C SER A 98 15.35 2.20 -15.06
N GLY A 99 15.12 3.30 -15.77
CA GLY A 99 14.10 3.37 -16.80
C GLY A 99 12.69 3.63 -16.31
N ALA A 100 12.51 3.96 -15.04
CA ALA A 100 11.18 4.20 -14.49
C ALA A 100 10.72 5.63 -14.75
N ARG A 101 9.43 5.78 -15.03
CA ARG A 101 8.80 7.09 -15.00
C ARG A 101 8.62 7.54 -13.56
N VAL A 102 9.18 8.69 -13.21
CA VAL A 102 9.10 9.25 -11.87
C VAL A 102 8.10 10.40 -11.83
N VAL A 103 7.14 10.34 -10.91
CA VAL A 103 6.11 11.36 -10.79
C VAL A 103 6.15 11.92 -9.37
N SER A 104 6.36 13.23 -9.26
CA SER A 104 6.28 13.90 -7.97
C SER A 104 4.82 14.01 -7.51
N ARG A 105 4.64 14.31 -6.22
CA ARG A 105 3.29 14.52 -5.70
C ARG A 105 2.62 15.70 -6.41
N GLU A 106 3.39 16.76 -6.67
CA GLU A 106 2.85 17.94 -7.35
C GLU A 106 2.40 17.63 -8.76
N GLN A 107 3.16 16.83 -9.51
CA GLN A 107 2.80 16.53 -10.89
C GLN A 107 1.58 15.61 -10.99
N ALA A 108 1.45 14.65 -10.07
CA ALA A 108 0.28 13.77 -10.09
C ALA A 108 -1.04 14.54 -10.04
N LEU A 109 -1.07 15.67 -9.31
CA LEU A 109 -2.34 16.36 -9.13
C LEU A 109 -2.09 17.80 -8.72
N PRO A 110 -1.73 18.67 -9.67
CA PRO A 110 -1.10 19.95 -9.32
C PRO A 110 -2.05 21.01 -8.80
N GLU A 111 -3.35 20.86 -9.03
CA GLU A 111 -4.31 21.85 -8.53
C GLU A 111 -4.51 21.76 -7.02
N VAL A 112 -4.02 20.71 -6.38
CA VAL A 112 -4.30 20.45 -4.97
C VAL A 112 -2.96 20.51 -4.22
N PRO A 113 -2.80 21.43 -3.28
CA PRO A 113 -1.54 21.52 -2.52
C PRO A 113 -1.18 20.21 -1.82
N VAL A 114 0.11 19.97 -1.68
CA VAL A 114 0.59 18.66 -1.23
C VAL A 114 0.57 18.60 0.28
N ARG A 115 0.01 17.47 0.85
CA ARG A 115 0.17 17.18 2.27
C ARG A 115 1.24 16.11 2.50
N PRO A 116 1.86 16.09 3.67
CA PRO A 116 2.81 15.02 3.98
C PRO A 116 2.15 13.66 4.22
N GLY A 117 2.94 12.62 4.01
CA GLY A 117 2.63 11.27 4.45
C GLY A 117 2.38 10.31 3.31
N LYS A 118 2.42 9.02 3.65
CA LYS A 118 2.32 7.96 2.65
C LYS A 118 0.96 7.96 1.97
N GLY A 119 -0.11 8.15 2.74
CA GLY A 119 -1.44 8.04 2.17
C GLY A 119 -1.65 9.06 1.06
N GLU A 120 -1.06 10.25 1.23
CA GLU A 120 -1.19 11.28 0.21
C GLU A 120 -0.55 10.80 -1.08
N ALA A 121 0.60 10.14 -0.98
CA ALA A 121 1.33 9.68 -2.16
C ALA A 121 0.53 8.62 -2.93
N LEU A 122 -0.04 7.65 -2.21
CA LEU A 122 -0.84 6.62 -2.86
C LEU A 122 -2.11 7.19 -3.46
N TRP A 123 -2.75 8.16 -2.78
CA TRP A 123 -3.99 8.72 -3.30
C TRP A 123 -3.72 9.47 -4.60
N ARG A 124 -2.71 10.35 -4.58
CA ARG A 124 -2.30 11.07 -5.79
C ARG A 124 -1.92 10.13 -6.92
N SER A 125 -1.28 9.00 -6.62
CA SER A 125 -0.88 8.04 -7.65
C SER A 125 -2.07 7.55 -8.48
N LEU A 126 -3.27 7.57 -7.93
CA LEU A 126 -4.45 7.21 -8.75
C LEU A 126 -4.65 8.20 -9.89
N ALA A 127 -4.31 9.48 -9.69
CA ALA A 127 -4.45 10.45 -10.76
C ALA A 127 -3.33 10.39 -11.79
N ALA A 128 -2.24 9.68 -11.51
CA ALA A 128 -1.09 9.65 -12.41
C ALA A 128 -0.97 8.31 -13.11
N THR A 129 -1.95 7.43 -12.91
CA THR A 129 -1.99 6.13 -13.55
C THR A 129 -3.36 5.96 -14.19
N SER A 130 -3.51 4.94 -15.03
CA SER A 130 -4.79 4.68 -15.68
C SER A 130 -5.11 3.20 -15.79
N GLY A 131 -4.31 2.33 -15.18
CA GLY A 131 -4.64 0.91 -15.21
C GLY A 131 -5.97 0.61 -14.56
N ASP A 132 -6.68 -0.35 -15.13
CA ASP A 132 -7.90 -0.87 -14.51
C ASP A 132 -7.56 -1.56 -13.19
N ILE A 133 -6.34 -2.07 -13.08
CA ILE A 133 -5.84 -2.70 -11.86
C ILE A 133 -4.61 -1.91 -11.44
N VAL A 134 -4.49 -1.66 -10.14
CA VAL A 134 -3.35 -0.92 -9.59
C VAL A 134 -2.67 -1.80 -8.56
N VAL A 135 -1.35 -1.90 -8.66
CA VAL A 135 -0.54 -2.66 -7.72
C VAL A 135 0.40 -1.70 -7.00
N PHE A 136 0.45 -1.80 -5.68
CA PHE A 136 1.36 -1.01 -4.86
C PHE A 136 2.46 -1.94 -4.35
N ILE A 137 3.71 -1.49 -4.45
CA ILE A 137 4.86 -2.21 -3.93
C ILE A 137 5.75 -1.22 -3.19
N ASP A 138 6.10 -1.52 -1.94
CA ASP A 138 6.96 -0.58 -1.24
C ASP A 138 8.33 -0.58 -1.91
N SER A 139 8.98 0.59 -1.90
CA SER A 139 10.25 0.77 -2.59
C SER A 139 11.45 0.54 -1.67
N ASP A 140 11.21 0.20 -0.40
CA ASP A 140 12.27 -0.09 0.56
C ASP A 140 12.54 -1.58 0.75
N LEU A 141 11.98 -2.44 -0.10
CA LEU A 141 12.18 -3.87 0.01
C LEU A 141 13.61 -4.22 -0.36
N ILE A 142 14.22 -5.14 0.39
CA ILE A 142 15.56 -5.64 0.05
C ILE A 142 15.41 -6.87 -0.82
N ASN A 143 15.78 -6.70 -2.10
CA ASN A 143 15.79 -7.74 -3.11
C ASN A 143 14.42 -8.41 -3.18
N PRO A 144 13.46 -7.81 -3.88
CA PRO A 144 12.15 -8.44 -3.98
C PRO A 144 12.06 -9.44 -5.12
N HIS A 145 11.24 -10.46 -4.90
CA HIS A 145 11.04 -11.48 -5.92
C HIS A 145 10.38 -10.88 -7.16
N PRO A 146 10.78 -11.28 -8.36
CA PRO A 146 10.15 -10.74 -9.58
C PRO A 146 8.72 -11.19 -9.81
N LEU A 147 8.21 -12.17 -9.06
CA LEU A 147 6.82 -12.58 -9.22
C LEU A 147 5.84 -11.89 -8.28
N PHE A 148 6.29 -10.97 -7.43
CA PHE A 148 5.36 -10.21 -6.59
C PHE A 148 4.15 -9.70 -7.36
N VAL A 149 4.37 -8.98 -8.46
CA VAL A 149 3.25 -8.43 -9.22
C VAL A 149 2.39 -9.53 -9.82
N PRO A 150 2.95 -10.56 -10.48
CA PRO A 150 2.10 -11.66 -10.93
C PRO A 150 1.33 -12.37 -9.81
N TRP A 151 1.97 -12.61 -8.67
CA TRP A 151 1.28 -13.25 -7.55
C TRP A 151 0.13 -12.41 -6.98
N LEU A 152 0.30 -11.09 -6.92
CA LEU A 152 -0.76 -10.22 -6.41
C LEU A 152 -1.94 -10.09 -7.36
N VAL A 153 -1.72 -10.11 -8.67
CA VAL A 153 -2.81 -9.87 -9.60
C VAL A 153 -3.58 -11.15 -9.90
N GLY A 154 -3.04 -12.31 -9.51
CA GLY A 154 -3.66 -13.58 -9.82
C GLY A 154 -5.13 -13.61 -9.48
N PRO A 155 -5.49 -13.36 -8.21
CA PRO A 155 -6.91 -13.42 -7.85
C PRO A 155 -7.77 -12.36 -8.52
N LEU A 156 -7.20 -11.19 -8.86
CA LEU A 156 -8.02 -10.19 -9.55
C LEU A 156 -8.29 -10.59 -10.97
N LEU A 157 -7.37 -11.35 -11.56
CA LEU A 157 -7.41 -11.66 -12.97
C LEU A 157 -8.23 -12.94 -13.17
N THR A 158 -8.10 -13.92 -12.27
CA THR A 158 -8.64 -15.24 -12.49
C THR A 158 -9.77 -15.62 -11.57
N GLY A 159 -10.06 -14.75 -10.59
CA GLY A 159 -11.10 -15.09 -9.66
C GLY A 159 -12.40 -14.49 -10.10
N GLU A 160 -13.39 -14.60 -9.23
CA GLU A 160 -14.56 -13.75 -9.37
C GLU A 160 -14.89 -13.04 -8.07
N GLY A 161 -15.15 -11.74 -8.21
CA GLY A 161 -15.55 -10.88 -7.14
C GLY A 161 -14.41 -10.40 -6.27
N ILE A 162 -13.19 -10.87 -6.52
CA ILE A 162 -12.05 -10.33 -5.78
C ILE A 162 -11.79 -8.92 -6.31
N GLN A 163 -11.72 -7.96 -5.40
CA GLN A 163 -11.42 -6.59 -5.74
C GLN A 163 -10.17 -6.06 -5.05
N LEU A 164 -9.67 -6.78 -4.03
CA LEU A 164 -8.52 -6.37 -3.23
C LEU A 164 -7.69 -7.61 -2.89
N VAL A 165 -6.37 -7.53 -3.07
CA VAL A 165 -5.48 -8.63 -2.70
C VAL A 165 -4.37 -8.12 -1.77
N LYS A 166 -4.31 -8.69 -0.56
CA LYS A 166 -3.27 -8.35 0.41
C LYS A 166 -2.20 -9.44 0.37
N SER A 167 -0.96 -9.07 0.68
CA SER A 167 0.12 -10.05 0.78
C SER A 167 0.31 -10.46 2.24
N PHE A 168 0.97 -11.62 2.44
CA PHE A 168 1.63 -11.94 3.70
C PHE A 168 2.96 -12.62 3.43
N TYR A 169 3.76 -12.82 4.47
CA TYR A 169 5.17 -13.15 4.28
C TYR A 169 5.82 -13.47 5.62
N ARG A 170 7.12 -13.74 5.55
CA ARG A 170 7.98 -14.16 6.66
C ARG A 170 7.35 -15.31 7.46
N GLY A 187 9.95 -8.43 13.56
CA GLY A 187 9.03 -9.30 12.84
C GLY A 187 7.64 -8.70 12.72
N GLY A 188 7.57 -7.46 12.25
CA GLY A 188 6.30 -6.77 12.12
C GLY A 188 5.71 -6.41 13.47
N ARG A 189 6.31 -5.42 14.13
CA ARG A 189 5.94 -5.08 15.51
C ARG A 189 4.59 -4.36 15.56
N VAL A 190 4.37 -3.39 14.68
CA VAL A 190 3.09 -2.68 14.70
C VAL A 190 1.98 -3.63 14.31
N THR A 191 2.25 -4.48 13.33
CA THR A 191 1.21 -5.41 12.86
C THR A 191 0.78 -6.33 14.00
N GLU A 192 1.74 -6.95 14.70
CA GLU A 192 1.41 -7.98 15.67
C GLU A 192 1.02 -7.41 17.03
N LEU A 193 1.49 -6.21 17.37
CA LEU A 193 1.16 -5.63 18.66
C LEU A 193 0.00 -4.64 18.60
N VAL A 194 -0.20 -3.97 17.46
CA VAL A 194 -1.20 -2.91 17.34
C VAL A 194 -2.36 -3.32 16.44
N ALA A 195 -2.09 -3.56 15.15
CA ALA A 195 -3.19 -3.71 14.19
C ALA A 195 -3.97 -5.01 14.36
N ARG A 196 -3.29 -6.15 14.46
CA ARG A 196 -4.04 -7.38 14.61
C ARG A 196 -4.80 -7.45 15.93
N PRO A 197 -4.20 -7.08 17.06
CA PRO A 197 -4.99 -7.09 18.30
C PRO A 197 -6.14 -6.07 18.33
N LEU A 198 -5.98 -4.87 17.76
CA LEU A 198 -7.12 -3.96 17.66
C LEU A 198 -8.20 -4.47 16.72
N LEU A 199 -7.81 -5.10 15.61
CA LEU A 199 -8.84 -5.69 14.75
C LEU A 199 -9.59 -6.79 15.49
N ALA A 200 -8.88 -7.59 16.28
CA ALA A 200 -9.56 -8.64 17.01
C ALA A 200 -10.54 -8.03 18.00
N ALA A 201 -10.16 -6.91 18.62
CA ALA A 201 -11.04 -6.20 19.54
C ALA A 201 -12.23 -5.55 18.84
N LEU A 202 -12.04 -4.98 17.65
CA LEU A 202 -13.01 -4.06 17.09
C LEU A 202 -13.57 -4.46 15.73
N ARG A 203 -12.89 -5.35 14.99
CA ARG A 203 -13.42 -5.89 13.74
C ARG A 203 -12.97 -7.35 13.63
N PRO A 204 -13.41 -8.19 14.57
CA PRO A 204 -12.84 -9.56 14.63
C PRO A 204 -13.03 -10.35 13.35
N GLU A 205 -13.95 -9.95 12.48
CA GLU A 205 -14.14 -10.63 11.20
C GLU A 205 -12.89 -10.56 10.35
N LEU A 206 -12.01 -9.59 10.57
CA LEU A 206 -10.78 -9.46 9.81
C LEU A 206 -9.62 -10.14 10.51
N GLY A 207 -9.90 -10.92 11.57
CA GLY A 207 -8.88 -11.64 12.29
C GLY A 207 -8.11 -12.65 11.45
N CYS A 208 -8.68 -13.09 10.33
CA CYS A 208 -8.03 -14.09 9.49
C CYS A 208 -7.03 -13.48 8.52
N VAL A 209 -6.93 -12.15 8.50
CA VAL A 209 -6.00 -11.42 7.64
C VAL A 209 -4.62 -11.44 8.31
N LEU A 210 -3.62 -12.03 7.64
CA LEU A 210 -2.35 -12.24 8.33
C LEU A 210 -1.48 -10.98 8.41
N GLN A 211 -1.53 -10.11 7.40
CA GLN A 211 -0.73 -8.88 7.34
C GLN A 211 -1.57 -7.68 6.92
N PRO A 212 -2.47 -7.21 7.79
CA PRO A 212 -3.33 -6.09 7.40
C PRO A 212 -2.60 -4.81 6.99
N LEU A 213 -1.41 -4.54 7.51
CA LEU A 213 -0.69 -3.32 7.16
C LEU A 213 0.26 -3.50 5.98
N SER A 214 0.31 -4.67 5.37
CA SER A 214 1.28 -4.93 4.31
CA SER A 214 1.28 -4.93 4.32
C SER A 214 1.22 -3.87 3.22
N GLY A 215 2.38 -3.36 2.84
CA GLY A 215 2.50 -2.38 1.78
C GLY A 215 2.42 -2.95 0.38
N GLU A 216 2.40 -4.27 0.23
CA GLU A 216 2.30 -4.90 -1.08
C GLU A 216 0.88 -5.41 -1.28
N TYR A 217 0.14 -4.81 -2.21
CA TYR A 217 -1.22 -5.26 -2.47
C TYR A 217 -1.67 -4.69 -3.82
N ALA A 218 -2.77 -5.26 -4.33
CA ALA A 218 -3.34 -4.83 -5.59
C ALA A 218 -4.85 -4.73 -5.45
N ALA A 219 -5.46 -3.87 -6.25
CA ALA A 219 -6.90 -3.68 -6.19
C ALA A 219 -7.39 -3.07 -7.50
N SER A 220 -8.69 -3.20 -7.75
CA SER A 220 -9.29 -2.58 -8.92
C SER A 220 -9.35 -1.06 -8.74
N ARG A 221 -9.18 -0.34 -9.84
CA ARG A 221 -9.35 1.11 -9.82
C ARG A 221 -10.74 1.48 -9.33
N GLU A 222 -11.76 0.71 -9.72
CA GLU A 222 -13.13 1.03 -9.32
C GLU A 222 -13.26 1.06 -7.81
N LEU A 223 -12.66 0.09 -7.12
CA LEU A 223 -12.61 0.12 -5.66
C LEU A 223 -11.82 1.31 -5.14
N LEU A 224 -10.57 1.48 -5.61
CA LEU A 224 -9.70 2.50 -5.04
C LEU A 224 -10.25 3.92 -5.23
N THR A 225 -10.84 4.21 -6.38
CA THR A 225 -11.37 5.55 -6.58
C THR A 225 -12.71 5.76 -5.88
N SER A 226 -13.28 4.72 -5.28
CA SER A 226 -14.48 4.83 -4.49
C SER A 226 -14.20 4.95 -3.00
N LEU A 227 -12.95 4.73 -2.56
CA LEU A 227 -12.66 4.74 -1.15
C LEU A 227 -11.87 6.00 -0.77
N PRO A 228 -12.10 6.55 0.42
CA PRO A 228 -11.22 7.62 0.92
C PRO A 228 -9.85 7.04 1.22
N PHE A 229 -8.86 7.93 1.37
CA PHE A 229 -7.52 7.49 1.70
C PHE A 229 -7.09 8.15 3.01
N ALA A 230 -6.80 7.33 4.01
CA ALA A 230 -6.32 7.82 5.28
C ALA A 230 -4.93 8.43 5.14
N PRO A 231 -4.57 9.38 5.99
CA PRO A 231 -3.28 10.06 5.84
C PRO A 231 -2.17 9.20 6.40
N GLY A 232 -0.95 9.50 5.96
CA GLY A 232 0.21 8.95 6.63
C GLY A 232 0.26 7.45 6.51
N TYR A 233 0.71 6.80 7.58
CA TYR A 233 0.72 5.34 7.69
C TYR A 233 -0.66 4.71 7.97
N GLY A 234 -1.75 5.46 7.91
CA GLY A 234 -3.05 4.87 8.18
C GLY A 234 -3.68 4.25 6.95
N VAL A 235 -3.05 4.47 5.79
CA VAL A 235 -3.69 4.20 4.51
C VAL A 235 -4.00 2.72 4.32
N GLU A 236 -3.08 1.82 4.70
CA GLU A 236 -3.35 0.40 4.49
C GLU A 236 -4.50 -0.10 5.34
N ILE A 237 -4.48 0.20 6.64
CA ILE A 237 -5.54 -0.29 7.51
C ILE A 237 -6.88 0.32 7.12
N GLY A 238 -6.87 1.58 6.70
CA GLY A 238 -8.09 2.23 6.28
C GLY A 238 -8.70 1.60 5.04
N LEU A 239 -7.87 1.28 4.05
CA LEU A 239 -8.37 0.66 2.83
C LEU A 239 -8.94 -0.72 3.11
N LEU A 240 -8.30 -1.48 4.00
CA LEU A 240 -8.81 -2.81 4.32
C LEU A 240 -10.16 -2.75 5.02
N ILE A 241 -10.29 -1.91 6.05
CA ILE A 241 -11.56 -1.80 6.75
C ILE A 241 -12.65 -1.23 5.84
N ASP A 242 -12.33 -0.21 5.05
CA ASP A 242 -13.34 0.35 4.14
C ASP A 242 -13.77 -0.67 3.10
N THR A 243 -12.83 -1.42 2.53
CA THR A 243 -13.16 -2.45 1.55
C THR A 243 -14.08 -3.49 2.17
N PHE A 244 -13.73 -3.99 3.35
CA PHE A 244 -14.54 -5.00 4.02
C PHE A 244 -15.96 -4.48 4.28
N ASP A 245 -16.08 -3.27 4.81
CA ASP A 245 -17.39 -2.73 5.13
C ASP A 245 -18.26 -2.62 3.88
N ARG A 246 -17.66 -2.29 2.74
CA ARG A 246 -18.40 -2.06 1.50
C ARG A 246 -18.63 -3.35 0.69
N LEU A 247 -17.69 -4.30 0.70
CA LEU A 247 -17.82 -5.49 -0.14
C LEU A 247 -17.78 -6.82 0.62
N GLY A 248 -17.45 -6.82 1.90
CA GLY A 248 -17.29 -8.03 2.69
C GLY A 248 -16.04 -8.85 2.32
N LEU A 249 -15.83 -9.94 3.07
CA LEU A 249 -14.62 -10.74 2.91
C LEU A 249 -14.51 -11.35 1.52
N ASP A 250 -15.64 -11.62 0.87
CA ASP A 250 -15.60 -12.36 -0.39
C ASP A 250 -14.93 -11.56 -1.50
N ALA A 251 -14.75 -10.26 -1.30
CA ALA A 251 -14.10 -9.42 -2.29
C ALA A 251 -12.60 -9.29 -2.02
N ILE A 252 -12.12 -9.91 -0.94
CA ILE A 252 -10.73 -9.77 -0.51
C ILE A 252 -10.07 -11.14 -0.58
N ALA A 253 -8.86 -11.18 -1.13
CA ALA A 253 -8.00 -12.36 -1.10
C ALA A 253 -6.65 -11.99 -0.53
N GLN A 254 -5.86 -13.00 -0.16
CA GLN A 254 -4.48 -12.78 0.24
C GLN A 254 -3.60 -13.88 -0.33
N VAL A 255 -2.32 -13.54 -0.56
CA VAL A 255 -1.40 -14.37 -1.30
C VAL A 255 -0.06 -14.41 -0.58
N ASN A 256 0.53 -15.60 -0.50
CA ASN A 256 1.83 -15.77 0.17
C ASN A 256 2.95 -15.34 -0.77
N LEU A 257 3.77 -14.41 -0.33
CA LEU A 257 4.92 -13.92 -1.07
C LEU A 257 6.21 -14.51 -0.53
N GLY A 258 6.09 -15.40 0.46
CA GLY A 258 7.19 -16.11 1.07
C GLY A 258 7.80 -15.31 2.20
N VAL A 259 8.96 -14.71 1.96
CA VAL A 259 9.65 -13.90 2.95
C VAL A 259 9.94 -12.54 2.33
N ARG A 260 9.88 -11.48 3.15
CA ARG A 260 10.21 -10.15 2.69
C ARG A 260 11.11 -9.50 3.74
N ALA A 261 12.05 -8.69 3.27
CA ALA A 261 12.98 -7.96 4.11
C ALA A 261 12.86 -6.47 3.79
N HIS A 262 13.05 -5.63 4.81
CA HIS A 262 13.07 -4.19 4.57
C HIS A 262 13.75 -3.47 5.74
N ARG A 263 13.86 -2.16 5.58
CA ARG A 263 14.44 -1.28 6.60
C ARG A 263 13.70 -1.39 7.92
N ASN A 264 14.31 -2.00 8.92
CA ASN A 264 13.66 -2.12 10.23
C ASN A 264 13.88 -0.79 10.95
N ARG A 265 12.81 -0.01 11.08
CA ARG A 265 12.86 1.30 11.73
C ARG A 265 13.09 1.24 13.24
N PRO A 266 13.65 2.29 13.82
CA PRO A 266 13.79 2.35 15.28
C PRO A 266 12.44 2.50 15.95
N LEU A 267 12.38 2.07 17.21
CA LEU A 267 11.09 2.01 17.92
C LEU A 267 10.36 3.36 17.96
N ASP A 268 11.08 4.48 18.06
CA ASP A 268 10.37 5.77 18.22
C ASP A 268 9.61 6.16 16.96
N GLU A 269 10.17 5.91 15.77
CA GLU A 269 9.41 6.19 14.55
C GLU A 269 8.20 5.27 14.46
N LEU A 270 8.32 4.04 14.97
CA LEU A 270 7.18 3.13 14.99
C LEU A 270 6.08 3.65 15.90
N GLY A 271 6.43 4.44 16.91
CA GLY A 271 5.43 4.94 17.83
C GLY A 271 4.47 5.87 17.11
N ALA A 272 5.01 6.77 16.29
CA ALA A 272 4.16 7.70 15.54
C ALA A 272 3.32 6.95 14.53
N MET A 273 3.86 5.87 13.95
CA MET A 273 3.12 5.13 12.94
C MET A 273 1.94 4.43 13.61
N SER A 274 2.22 3.80 14.75
CA SER A 274 1.18 3.14 15.51
C SER A 274 0.07 4.12 15.90
N ARG A 275 0.45 5.32 16.36
CA ARG A 275 -0.53 6.36 16.67
C ARG A 275 -1.44 6.66 15.48
N GLN A 276 -0.90 6.71 14.28
CA GLN A 276 -1.73 7.02 13.12
C GLN A 276 -2.59 5.83 12.72
N VAL A 277 -2.06 4.61 12.90
CA VAL A 277 -2.85 3.42 12.60
C VAL A 277 -4.04 3.36 13.55
N ILE A 278 -3.79 3.63 14.83
CA ILE A 278 -4.85 3.67 15.82
C ILE A 278 -5.90 4.72 15.45
N ALA A 279 -5.44 5.92 15.10
CA ALA A 279 -6.36 7.00 14.74
C ALA A 279 -7.25 6.64 13.57
N THR A 280 -6.67 6.00 12.54
CA THR A 280 -7.46 5.65 11.37
C THR A 280 -8.41 4.52 11.69
N LEU A 281 -7.94 3.54 12.47
CA LEU A 281 -8.77 2.39 12.79
C LEU A 281 -9.94 2.77 13.68
N LEU A 282 -9.70 3.58 14.71
CA LEU A 282 -10.80 4.04 15.57
C LEU A 282 -11.85 4.81 14.78
N SER A 283 -11.42 5.68 13.87
CA SER A 283 -12.37 6.46 13.10
C SER A 283 -13.26 5.55 12.26
N ARG A 284 -12.68 4.52 11.65
CA ARG A 284 -13.48 3.60 10.85
C ARG A 284 -14.46 2.83 11.73
N CYS A 285 -14.14 2.65 13.00
CA CYS A 285 -15.02 1.94 13.92
C CYS A 285 -15.99 2.86 14.65
N GLY A 286 -16.09 4.12 14.24
CA GLY A 286 -17.05 5.01 14.86
C GLY A 286 -16.66 5.48 16.24
N ILE A 287 -15.38 5.47 16.58
CA ILE A 287 -14.90 5.85 17.89
C ILE A 287 -14.17 7.19 17.76
N PRO A 288 -14.50 8.20 18.56
CA PRO A 288 -13.88 9.52 18.41
C PRO A 288 -12.44 9.51 18.90
N ASP A 289 -11.52 10.02 18.06
CA ASP A 289 -10.12 10.04 18.43
C ASP A 289 -9.81 11.46 18.87
N SER A 290 -8.98 11.59 19.90
CA SER A 290 -8.67 12.91 20.44
C SER A 290 -7.98 13.83 19.45
N GLY A 291 -7.29 13.30 18.45
CA GLY A 291 -6.46 14.16 17.65
C GLY A 291 -5.17 14.60 18.31
N VAL A 292 -4.88 14.13 19.53
CA VAL A 292 -3.65 14.52 20.22
C VAL A 292 -2.49 13.66 19.76
N GLY A 293 -1.43 14.31 19.30
CA GLY A 293 -0.24 13.59 18.87
C GLY A 293 0.43 12.85 20.00
N LEU A 294 1.13 11.79 19.64
CA LEU A 294 1.89 11.02 20.62
C LEU A 294 3.05 11.90 21.09
N THR A 295 3.27 12.00 22.39
CA THR A 295 4.49 12.64 22.88
C THR A 295 5.44 11.59 23.42
N GLN A 296 6.74 11.79 23.21
CA GLN A 296 7.74 10.84 23.69
C GLN A 296 8.77 11.59 24.51
N PHE A 297 9.26 10.94 25.56
CA PHE A 297 10.29 11.49 26.43
C PHE A 297 11.54 10.65 26.23
N LEU A 298 12.48 11.15 25.42
CA LEU A 298 13.65 10.38 25.04
C LEU A 298 14.68 10.36 26.16
N ASP A 306 16.82 13.53 33.05
CA ASP A 306 17.60 14.01 31.90
C ASP A 306 17.01 13.50 30.58
N TYR A 307 15.68 13.58 30.44
CA TYR A 307 14.98 13.22 29.21
C TYR A 307 14.57 14.50 28.46
N THR A 308 14.20 14.32 27.20
CA THR A 308 13.75 15.41 26.35
C THR A 308 12.42 15.04 25.71
N ARG A 309 11.61 16.04 25.36
CA ARG A 309 10.28 15.80 24.82
C ARG A 309 10.13 16.22 23.36
N HIS A 310 9.36 15.41 22.62
CA HIS A 310 8.99 15.65 21.23
C HIS A 310 7.57 15.17 21.00
N THR A 311 6.77 15.95 20.28
CA THR A 311 5.40 15.58 19.93
C THR A 311 5.35 15.33 18.44
N TRP A 312 4.79 14.10 18.03
CA TRP A 312 4.69 13.73 16.61
C TRP A 312 3.32 14.10 16.04
N PRO A 313 3.26 14.46 14.76
CA PRO A 313 1.97 14.81 14.16
C PRO A 313 1.07 13.59 14.00
N VAL A 314 -0.23 13.79 14.20
CA VAL A 314 -1.23 12.82 13.82
C VAL A 314 -2.31 13.55 13.03
N SER A 315 -2.96 12.85 12.12
CA SER A 315 -3.95 13.48 11.25
C SER A 315 -5.26 12.71 11.28
N LEU A 316 -6.35 13.46 11.42
CA LEU A 316 -7.70 12.91 11.35
C LEU A 316 -8.38 13.29 10.02
N VAL A 317 -7.62 13.74 9.04
CA VAL A 317 -8.18 14.17 7.76
C VAL A 317 -7.85 13.18 6.66
N ASP A 318 -8.90 12.56 6.13
CA ASP A 318 -8.77 11.66 4.99
C ASP A 318 -8.80 12.49 3.71
N ARG A 319 -8.22 11.95 2.65
CA ARG A 319 -8.55 12.43 1.32
C ARG A 319 -9.85 11.78 0.84
N PRO A 320 -10.70 12.51 0.11
CA PRO A 320 -11.94 11.92 -0.36
C PRO A 320 -11.71 10.96 -1.52
N PRO A 321 -12.70 10.13 -1.85
CA PRO A 321 -12.63 9.30 -3.05
C PRO A 321 -12.19 10.09 -4.28
N MET A 322 -11.23 9.54 -5.01
CA MET A 322 -10.62 10.27 -6.13
C MET A 322 -11.67 10.59 -7.19
N LYS A 323 -12.71 9.77 -7.28
CA LYS A 323 -13.91 10.02 -8.09
C LYS A 323 -14.45 11.45 -8.03
N VAL A 324 -14.48 12.07 -6.85
CA VAL A 324 -15.03 13.42 -6.77
C VAL A 324 -14.20 14.39 -7.59
N MET A 325 -12.99 14.00 -8.00
CA MET A 325 -12.11 14.90 -8.72
C MET A 325 -12.41 14.87 -10.22
N ARG A 326 -13.36 14.02 -10.63
CA ARG A 326 -13.70 13.82 -12.05
C ARG A 326 -14.35 15.05 -12.65
MN MN B . 9.31 -0.71 5.04
N1 UDP C . 6.65 6.58 1.93
C2 UDP C . 6.23 7.57 1.07
N3 UDP C . 5.89 8.76 1.67
C4 UDP C . 5.93 9.04 3.01
C5 UDP C . 6.36 7.97 3.86
C6 UDP C . 6.69 6.79 3.31
O2 UDP C . 6.14 7.40 -0.13
O4 UDP C . 5.61 10.18 3.41
C1' UDP C . 7.04 5.27 1.37
C2' UDP C . 8.43 4.81 1.79
O2' UDP C . 9.40 5.32 0.88
C3' UDP C . 8.30 3.28 1.68
C4' UDP C . 6.82 3.03 2.00
O4' UDP C . 6.14 4.30 1.85
O3' UDP C . 8.67 2.82 0.39
C5' UDP C . 6.57 2.47 3.36
O5' UDP C . 7.11 3.39 4.32
PA UDP C . 7.91 2.92 5.62
O1A UDP C . 8.27 4.14 6.45
O2A UDP C . 9.13 2.16 5.29
O3A UDP C . 6.96 1.95 6.46
PB UDP C . 7.36 0.57 7.14
O1B UDP C . 6.43 0.32 8.30
O2B UDP C . 8.79 0.62 7.58
O3B UDP C . 7.15 -0.51 6.08
C1 EDO D . -7.76 9.32 10.06
O1 EDO D . -7.95 8.59 8.84
C2 EDO D . -9.13 9.71 10.62
O2 EDO D . -10.17 8.99 9.93
C1 EDO E . 7.27 16.61 2.61
O1 EDO E . 8.01 17.76 2.18
C2 EDO E . 5.87 17.03 3.04
O2 EDO E . 5.32 18.01 2.13
OAN XDX F . 9.39 -5.40 11.12
PAL XDX F . 8.92 -3.98 11.41
OAO XDX F . 10.00 -2.94 11.18
OAP XDX F . 8.27 -3.86 12.77
OAM XDX F . 7.76 -3.65 10.32
CAQ XDX F . 7.26 -2.30 10.22
CAR XDX F . 5.76 -2.27 10.06
CAS XDX F . 4.98 -3.34 10.89
OAV XDX F . 5.38 -3.48 12.08
OAU XDX F . 4.07 -4.01 10.36
O1 XDX F . 5.44 -2.16 8.65
C1 XDX F . 4.06 -2.24 8.35
O5 XDX F . 3.47 -0.95 8.23
C5 XDX F . 3.99 -0.15 7.15
C6 XDX F . 3.27 1.18 7.21
O6 XDX F . 1.86 1.00 7.32
C4 XDX F . 3.78 -0.88 5.83
O4 XDX F . 4.36 -0.12 4.78
C3 XDX F . 4.45 -2.24 5.90
O3 XDX F . 4.28 -2.96 4.68
C2 XDX F . 3.89 -3.04 7.07
O2 XDX F . 4.56 -4.29 7.19
#